data_6ZYB
#
_entry.id   6ZYB
#
_cell.length_a   29.500
_cell.length_b   29.500
_cell.length_c   77.130
_cell.angle_alpha   90.000
_cell.angle_beta   90.000
_cell.angle_gamma   90.000
#
_symmetry.space_group_name_H-M   'P 43'
#
loop_
_entity.id
_entity.type
_entity.pdbx_description
1 polymer "Sarcin-Ricin Loop RNA from Ecoli with a C2667-2'-OCF3 modification"
2 water water
#
_entity_poly.entity_id   1
_entity_poly.type   'polyribonucleotide'
_entity_poly.pdbx_seq_one_letter_code
;UGCUCCUAGUACGAGAGGAC(QSK)GGAGUG
;
_entity_poly.pdbx_strand_id   A
#